data_6I4K
#
_entry.id   6I4K
#
_cell.length_a   69.830
_cell.length_b   71.380
_cell.length_c   110.930
_cell.angle_alpha   90.000
_cell.angle_beta   90.000
_cell.angle_gamma   90.000
#
_symmetry.space_group_name_H-M   'P 21 2 21'
#
loop_
_entity.id
_entity.type
_entity.pdbx_description
1 polymer Actin-1
2 polymer Gelsolin
3 non-polymer "ADENOSINE-5'-TRIPHOSPHATE"
4 non-polymer 'CALCIUM ION'
5 non-polymer 'THIOCYANATE ION'
6 non-polymer 2-[BIS-(2-HYDROXY-ETHYL)-AMINO]-2-HYDROXYMETHYL-PROPANE-1,3-DIOL
7 non-polymer DI(HYDROXYETHYL)ETHER
8 non-polymer 'CHLORIDE ION'
9 non-polymer BETA-MERCAPTOETHANOL
10 water water
#
loop_
_entity_poly.entity_id
_entity_poly.type
_entity_poly.pdbx_seq_one_letter_code
_entity_poly.pdbx_strand_id
1 'polypeptide(L)'
;GAMGEEDVQALVVDNGSGNVKAGVAGDDAPRSVFPSIVGRPKNPGIMVGMEEKDAFVGDEAQTKRGILTLKYPIEHGIVT
NWDDMEKIWHHTFYNELRAAPEEHPVLLTEAPLNPKANRERMTQIMFESFNVPAMYVAIQAVLSLYSSGRTTGIVLDSGD
GVSHTVPIYEGYALPHAIMRLDLAGRDLTEYLMKILHERGYGFSTSAEKEIVRDIKEKLCYIALNFDEEMKTSEQSSDIE
KSYELPDGNIITVGNERFRCPEALFQPSFLGKEAAGIHTTTFNSIKKCDVDIRKDLYGNIVLSGGTTMYEGIGERLTRDI
TTLAPSTMKIKVVAPPERKYSVWIGGSILSSLSTFQQMWITKEEYDESGPSIVHRKCF
;
A
2 'polypeptide(L)'
;GPMVVEHPEFLKAGKEPGLQIWRVEKFDLVPVPPNLYGDFFTGDAYVILKTVQLRNGNLQYDLHYWLGNECSQDESGAAA
IFTVQLDDYLNGRAVQHREVQGFESSTFSGYFKSGLKYKKGGVASGF
;
G
#
loop_
_chem_comp.id
_chem_comp.type
_chem_comp.name
_chem_comp.formula
ATP non-polymer ADENOSINE-5'-TRIPHOSPHATE 'C10 H16 N5 O13 P3'
BME non-polymer BETA-MERCAPTOETHANOL 'C2 H6 O S'
BTB non-polymer 2-[BIS-(2-HYDROXY-ETHYL)-AMINO]-2-HYDROXYMETHYL-PROPANE-1,3-DIOL 'C8 H19 N O5'
CA non-polymer 'CALCIUM ION' 'Ca 2'
CL non-polymer 'CHLORIDE ION' 'Cl -1'
PEG non-polymer DI(HYDROXYETHYL)ETHER 'C4 H10 O3'
SCN non-polymer 'THIOCYANATE ION' 'C N S -1'
#
# COMPACT_ATOMS: atom_id res chain seq x y z
N ASP A 7 -3.39 24.84 -12.49
CA ASP A 7 -3.95 23.64 -13.13
C ASP A 7 -2.82 22.69 -13.53
N VAL A 8 -2.58 21.67 -12.69
CA VAL A 8 -1.47 20.76 -12.91
C VAL A 8 -1.70 19.42 -12.20
N GLN A 9 -1.58 18.34 -12.96
CA GLN A 9 -1.80 16.99 -12.47
C GLN A 9 -0.49 16.40 -11.97
N ALA A 10 -0.54 15.84 -10.78
CA ALA A 10 0.62 15.21 -10.19
C ALA A 10 0.86 13.86 -10.84
N LEU A 11 2.12 13.46 -10.88
CA LEU A 11 2.52 12.13 -11.29
C LEU A 11 2.75 11.31 -10.03
N VAL A 12 2.41 10.03 -10.09
CA VAL A 12 2.55 9.12 -8.96
C VAL A 12 3.49 8.00 -9.40
N VAL A 13 4.55 7.79 -8.62
CA VAL A 13 5.58 6.81 -8.95
C VAL A 13 5.82 5.95 -7.71
N ASP A 14 5.61 4.65 -7.85
CA ASP A 14 5.83 3.68 -6.78
C ASP A 14 6.97 2.77 -7.19
N ASN A 15 8.12 2.93 -6.54
CA ASN A 15 9.34 2.24 -6.94
C ASN A 15 9.52 0.97 -6.13
N GLY A 16 9.51 -0.16 -6.83
CA GLY A 16 9.59 -1.43 -6.16
C GLY A 16 10.86 -2.19 -6.50
N SER A 17 11.18 -3.19 -5.68
CA SER A 17 12.33 -4.03 -5.94
C SER A 17 12.22 -4.75 -7.27
N GLY A 18 11.00 -5.10 -7.68
CA GLY A 18 10.77 -5.87 -8.89
C GLY A 18 10.19 -5.05 -10.02
N ASN A 19 9.27 -4.14 -9.69
N ASN A 19 9.29 -4.13 -9.72
CA ASN A 19 8.55 -3.38 -10.69
CA ASN A 19 8.66 -3.36 -10.78
C ASN A 19 8.34 -1.94 -10.25
C ASN A 19 8.26 -1.97 -10.30
N VAL A 20 8.32 -1.04 -11.23
CA VAL A 20 7.89 0.34 -11.04
C VAL A 20 6.45 0.44 -11.50
N LYS A 21 5.64 1.14 -10.70
CA LYS A 21 4.25 1.46 -11.01
C LYS A 21 4.18 2.97 -11.18
N ALA A 22 3.71 3.45 -12.32
CA ALA A 22 3.68 4.89 -12.54
C ALA A 22 2.42 5.30 -13.29
N GLY A 23 2.00 6.54 -13.05
CA GLY A 23 0.85 7.08 -13.73
C GLY A 23 0.52 8.45 -13.21
N VAL A 24 -0.74 8.84 -13.39
CA VAL A 24 -1.20 10.17 -13.08
C VAL A 24 -2.18 10.13 -11.92
N ALA A 25 -2.08 11.14 -11.05
CA ALA A 25 -3.00 11.25 -9.93
C ALA A 25 -4.44 11.22 -10.41
N GLY A 26 -5.29 10.51 -9.68
CA GLY A 26 -6.69 10.47 -9.99
C GLY A 26 -7.12 9.26 -10.79
N ASP A 27 -6.16 8.49 -11.31
CA ASP A 27 -6.47 7.23 -11.97
C ASP A 27 -6.63 6.12 -10.94
N ASP A 28 -7.39 5.09 -11.32
CA ASP A 28 -7.66 3.98 -10.43
C ASP A 28 -6.59 2.89 -10.50
N ALA A 29 -5.58 3.06 -11.35
CA ALA A 29 -4.52 2.07 -11.51
C ALA A 29 -3.35 2.70 -12.26
N PRO A 30 -2.12 2.24 -12.02
CA PRO A 30 -0.99 2.78 -12.79
C PRO A 30 -1.13 2.46 -14.27
N ARG A 31 -0.84 3.45 -15.10
CA ARG A 31 -0.88 3.18 -16.53
C ARG A 31 0.43 2.59 -17.04
N SER A 32 1.50 2.67 -16.24
CA SER A 32 2.80 2.14 -16.61
C SER A 32 3.27 1.19 -15.51
N VAL A 33 3.59 -0.04 -15.87
CA VAL A 33 4.18 -1.00 -14.93
C VAL A 33 5.30 -1.69 -15.68
N PHE A 34 6.51 -1.69 -15.14
CA PHE A 34 7.63 -2.25 -15.88
C PHE A 34 8.71 -2.72 -14.92
N PRO A 35 9.58 -3.64 -15.35
CA PRO A 35 10.54 -4.23 -14.41
C PRO A 35 11.61 -3.23 -13.99
N SER A 36 11.94 -3.28 -12.69
N SER A 36 11.98 -3.29 -12.70
CA SER A 36 12.88 -2.35 -12.06
CA SER A 36 12.95 -2.36 -12.12
C SER A 36 14.30 -2.85 -12.29
C SER A 36 14.38 -2.86 -12.39
N ILE A 37 14.74 -2.70 -13.53
N ILE A 37 14.71 -2.92 -13.69
CA ILE A 37 16.01 -3.28 -13.96
CA ILE A 37 15.98 -3.47 -14.17
C ILE A 37 16.66 -2.36 -14.97
C ILE A 37 16.66 -2.43 -15.05
N VAL A 38 17.97 -2.26 -14.87
CA VAL A 38 18.76 -1.42 -15.75
C VAL A 38 19.86 -2.28 -16.36
N GLY A 39 19.97 -2.24 -17.68
CA GLY A 39 20.99 -2.99 -18.40
C GLY A 39 21.96 -2.04 -19.08
N ARG A 40 23.24 -2.37 -18.99
CA ARG A 40 24.30 -1.59 -19.62
C ARG A 40 25.16 -2.53 -20.44
N PRO A 41 25.77 -2.04 -21.53
CA PRO A 41 26.54 -2.93 -22.41
C PRO A 41 27.59 -3.71 -21.64
N LYS A 42 27.67 -5.01 -21.95
CA LYS A 42 28.78 -5.80 -21.44
C LYS A 42 30.11 -5.31 -21.98
N ASN A 43 30.10 -4.77 -23.21
CA ASN A 43 31.31 -4.27 -23.87
C ASN A 43 30.99 -2.91 -24.48
N PRO A 44 31.21 -1.82 -23.73
CA PRO A 44 30.94 -0.47 -24.24
C PRO A 44 31.70 -0.14 -25.53
N ASP A 54 23.53 4.43 -23.47
CA ASP A 54 24.37 4.05 -22.35
C ASP A 54 23.67 3.02 -21.48
N ALA A 55 22.34 3.08 -21.42
CA ALA A 55 21.60 2.18 -20.55
C ALA A 55 20.20 1.90 -21.11
N PHE A 56 19.68 0.74 -20.77
CA PHE A 56 18.34 0.31 -21.13
C PHE A 56 17.59 -0.09 -19.86
N VAL A 57 16.28 0.18 -19.85
CA VAL A 57 15.46 -0.01 -18.65
C VAL A 57 14.25 -0.88 -18.96
N GLY A 58 13.87 -1.71 -17.98
CA GLY A 58 12.60 -2.42 -18.07
C GLY A 58 12.57 -3.50 -19.13
N ASP A 59 11.44 -3.57 -19.83
CA ASP A 59 11.22 -4.66 -20.79
C ASP A 59 12.31 -4.67 -21.84
N GLU A 60 12.71 -3.49 -22.32
CA GLU A 60 13.75 -3.43 -23.35
C GLU A 60 15.04 -4.09 -22.87
N ALA A 61 15.41 -3.84 -21.62
CA ALA A 61 16.63 -4.43 -21.08
C ALA A 61 16.55 -5.95 -21.12
N GLN A 62 15.40 -6.50 -20.77
CA GLN A 62 15.26 -7.95 -20.77
C GLN A 62 15.36 -8.53 -22.17
N THR A 63 14.81 -7.84 -23.18
CA THR A 63 14.93 -8.36 -24.54
C THR A 63 16.37 -8.32 -25.05
N LYS A 64 17.22 -7.46 -24.48
CA LYS A 64 18.61 -7.35 -24.87
C LYS A 64 19.55 -7.91 -23.80
N ARG A 65 19.05 -8.86 -22.99
CA ARG A 65 19.88 -9.50 -21.99
C ARG A 65 21.15 -10.07 -22.61
N GLY A 66 21.12 -10.42 -23.89
CA GLY A 66 22.28 -11.01 -24.53
C GLY A 66 23.48 -10.09 -24.64
N ILE A 67 23.26 -8.78 -24.62
CA ILE A 67 24.34 -7.81 -24.79
C ILE A 67 24.48 -6.86 -23.62
N LEU A 68 23.67 -7.03 -22.57
CA LEU A 68 23.70 -6.14 -21.43
C LEU A 68 23.96 -6.90 -20.14
N THR A 69 24.64 -6.23 -19.20
CA THR A 69 24.65 -6.65 -17.81
C THR A 69 23.44 -6.04 -17.11
N LEU A 70 22.58 -6.88 -16.53
CA LEU A 70 21.34 -6.44 -15.91
C LEU A 70 21.51 -6.30 -14.40
N LYS A 71 21.00 -5.20 -13.85
CA LYS A 71 21.09 -4.95 -12.42
C LYS A 71 19.76 -4.42 -11.90
N TYR A 72 19.49 -4.74 -10.63
CA TYR A 72 18.33 -4.22 -9.89
C TYR A 72 18.77 -3.09 -8.97
N PRO A 73 18.43 -1.83 -9.23
CA PRO A 73 18.89 -0.74 -8.36
C PRO A 73 18.19 -0.66 -7.01
N ILE A 74 17.10 -1.37 -6.81
CA ILE A 74 16.38 -1.39 -5.54
C ILE A 74 16.46 -2.80 -4.96
N GLU A 75 17.01 -2.92 -3.77
CA GLU A 75 17.18 -4.21 -3.09
C GLU A 75 16.37 -4.19 -1.81
N HIS A 76 15.46 -5.15 -1.67
CA HIS A 76 14.65 -5.24 -0.47
C HIS A 76 13.96 -3.92 -0.17
N GLY A 77 13.49 -3.24 -1.22
CA GLY A 77 12.75 -2.00 -1.10
C GLY A 77 13.58 -0.75 -0.93
N ILE A 78 14.90 -0.87 -0.82
CA ILE A 78 15.81 0.25 -0.57
C ILE A 78 16.65 0.47 -1.81
N VAL A 79 16.76 1.72 -2.26
CA VAL A 79 17.63 2.04 -3.39
C VAL A 79 19.07 1.80 -2.97
N THR A 80 19.80 1.03 -3.78
CA THR A 80 21.21 0.81 -3.52
C THR A 80 22.12 1.24 -4.67
N ASN A 81 21.59 1.54 -5.84
CA ASN A 81 22.39 2.03 -6.96
C ASN A 81 21.72 3.29 -7.48
N TRP A 82 22.27 4.44 -7.13
CA TRP A 82 21.61 5.71 -7.42
C TRP A 82 21.73 6.10 -8.88
N ASP A 83 22.85 5.78 -9.52
CA ASP A 83 23.00 6.07 -10.94
C ASP A 83 21.96 5.33 -11.76
N ASP A 84 21.82 4.02 -11.51
CA ASP A 84 20.81 3.25 -12.21
C ASP A 84 19.41 3.70 -11.84
N MET A 85 19.18 4.08 -10.58
CA MET A 85 17.84 4.53 -10.21
C MET A 85 17.46 5.78 -10.97
N GLU A 86 18.42 6.67 -11.21
CA GLU A 86 18.13 7.83 -12.03
C GLU A 86 17.77 7.42 -13.46
N LYS A 87 18.38 6.35 -13.98
CA LYS A 87 17.97 5.84 -15.28
C LYS A 87 16.54 5.32 -15.24
N ILE A 88 16.14 4.67 -14.15
CA ILE A 88 14.77 4.20 -14.06
C ILE A 88 13.81 5.39 -14.06
N TRP A 89 14.11 6.42 -13.28
CA TRP A 89 13.23 7.59 -13.25
C TRP A 89 13.19 8.30 -14.60
N HIS A 90 14.33 8.41 -15.28
CA HIS A 90 14.31 9.04 -16.60
C HIS A 90 13.45 8.24 -17.56
N HIS A 91 13.59 6.91 -17.54
CA HIS A 91 12.73 6.05 -18.32
C HIS A 91 11.25 6.27 -17.98
N THR A 92 10.93 6.37 -16.68
CA THR A 92 9.54 6.59 -16.26
C THR A 92 8.97 7.86 -16.87
N PHE A 93 9.65 8.99 -16.70
CA PHE A 93 9.13 10.26 -17.19
C PHE A 93 9.11 10.31 -18.71
N TYR A 94 10.22 9.93 -19.36
CA TYR A 94 10.38 10.18 -20.79
C TYR A 94 9.90 9.04 -21.69
N ASN A 95 10.09 7.78 -21.31
CA ASN A 95 9.68 6.72 -22.22
C ASN A 95 8.30 6.16 -21.90
N GLU A 96 7.89 6.18 -20.65
CA GLU A 96 6.60 5.59 -20.28
C GLU A 96 5.51 6.66 -20.25
N LEU A 97 5.68 7.69 -19.43
CA LEU A 97 4.62 8.68 -19.29
C LEU A 97 4.71 9.79 -20.34
N ARG A 98 5.92 10.07 -20.84
CA ARG A 98 6.14 11.19 -21.75
C ARG A 98 5.71 12.51 -21.09
N ALA A 99 6.10 12.66 -19.82
CA ALA A 99 5.79 13.85 -19.04
C ALA A 99 7.07 14.61 -18.72
N ALA A 100 6.98 15.95 -18.76
CA ALA A 100 8.10 16.80 -18.35
C ALA A 100 8.19 16.82 -16.83
N PRO A 101 9.22 16.25 -16.21
CA PRO A 101 9.24 16.23 -14.75
C PRO A 101 9.29 17.63 -14.16
N GLU A 102 9.85 18.59 -14.89
CA GLU A 102 9.95 19.96 -14.41
C GLU A 102 8.60 20.68 -14.42
N GLU A 103 7.53 20.04 -14.92
CA GLU A 103 6.22 20.67 -15.00
C GLU A 103 5.13 19.89 -14.26
N HIS A 104 5.50 18.90 -13.45
CA HIS A 104 4.51 18.20 -12.65
C HIS A 104 5.00 18.00 -11.22
N PRO A 105 4.16 18.22 -10.21
CA PRO A 105 4.43 17.65 -8.89
C PRO A 105 4.53 16.14 -9.02
N VAL A 106 5.40 15.56 -8.20
N VAL A 106 5.36 15.53 -8.17
CA VAL A 106 5.63 14.12 -8.20
CA VAL A 106 5.56 14.10 -8.26
C VAL A 106 5.44 13.60 -6.80
C VAL A 106 5.54 13.49 -6.87
N LEU A 107 4.61 12.57 -6.65
CA LEU A 107 4.53 11.81 -5.41
C LEU A 107 5.32 10.51 -5.62
N LEU A 108 6.30 10.28 -4.74
CA LEU A 108 7.14 9.09 -4.75
C LEU A 108 6.88 8.30 -3.49
N THR A 109 7.09 6.99 -3.57
CA THR A 109 6.89 6.14 -2.40
C THR A 109 8.24 5.67 -1.88
N GLU A 110 8.22 5.27 -0.61
CA GLU A 110 9.40 4.72 0.03
C GLU A 110 8.99 3.58 0.95
N ALA A 111 9.96 2.72 1.19
CA ALA A 111 9.78 1.60 2.10
C ALA A 111 9.65 2.06 3.53
N PRO A 112 8.91 1.32 4.35
CA PRO A 112 9.01 1.50 5.79
C PRO A 112 10.47 1.46 6.22
N LEU A 113 10.82 2.33 7.15
CA LEU A 113 12.16 2.39 7.72
C LEU A 113 13.22 2.81 6.69
N ASN A 114 12.81 3.41 5.59
CA ASN A 114 13.77 3.90 4.62
C ASN A 114 14.78 4.81 5.32
N PRO A 115 16.08 4.61 5.11
CA PRO A 115 17.04 5.47 5.81
C PRO A 115 16.92 6.94 5.40
N LYS A 116 17.12 7.82 6.39
N LYS A 116 17.13 7.82 6.37
CA LYS A 116 17.09 9.25 6.15
CA LYS A 116 17.03 9.26 6.09
C LYS A 116 17.96 9.68 4.99
C LYS A 116 17.95 9.67 4.95
N ALA A 117 19.18 9.16 4.92
CA ALA A 117 20.10 9.55 3.85
C ALA A 117 19.54 9.20 2.49
N ASN A 118 18.86 8.05 2.38
CA ASN A 118 18.27 7.68 1.09
C ASN A 118 17.13 8.62 0.72
N ARG A 119 16.28 8.98 1.69
CA ARG A 119 15.22 9.93 1.42
C ARG A 119 15.78 11.25 0.94
N GLU A 120 16.86 11.71 1.55
CA GLU A 120 17.46 12.98 1.14
C GLU A 120 18.05 12.87 -0.25
N ARG A 121 18.69 11.74 -0.58
CA ARG A 121 19.28 11.59 -1.90
C ARG A 121 18.20 11.52 -2.98
N MET A 122 17.10 10.83 -2.69
CA MET A 122 15.99 10.82 -3.64
C MET A 122 15.46 12.23 -3.86
N THR A 123 15.37 13.01 -2.78
CA THR A 123 14.89 14.39 -2.88
C THR A 123 15.85 15.24 -3.69
N GLN A 124 17.16 15.11 -3.46
CA GLN A 124 18.13 15.87 -4.23
C GLN A 124 18.05 15.53 -5.72
N ILE A 125 17.92 14.25 -6.06
CA ILE A 125 17.85 13.86 -7.47
C ILE A 125 16.62 14.44 -8.14
N MET A 126 15.46 14.34 -7.47
CA MET A 126 14.24 14.89 -8.04
C MET A 126 14.38 16.39 -8.29
N PHE A 127 14.87 17.14 -7.29
CA PHE A 127 14.88 18.59 -7.42
C PHE A 127 16.06 19.11 -8.24
N GLU A 128 17.18 18.39 -8.24
CA GLU A 128 18.36 18.89 -8.95
C GLU A 128 18.65 18.16 -10.25
N SER A 129 18.30 16.87 -10.39
CA SER A 129 18.47 16.22 -11.68
C SER A 129 17.21 16.31 -12.55
N PHE A 130 16.03 16.16 -11.97
CA PHE A 130 14.80 16.24 -12.76
C PHE A 130 14.09 17.56 -12.61
N ASN A 131 14.57 18.45 -11.74
CA ASN A 131 14.06 19.81 -11.64
C ASN A 131 12.56 19.84 -11.35
N VAL A 132 12.07 18.90 -10.56
CA VAL A 132 10.62 18.84 -10.32
C VAL A 132 10.19 20.10 -9.58
N PRO A 133 9.00 20.64 -9.84
CA PRO A 133 8.55 21.84 -9.14
C PRO A 133 8.08 21.57 -7.73
N ALA A 134 7.72 20.33 -7.41
CA ALA A 134 7.20 19.99 -6.10
C ALA A 134 7.27 18.49 -5.97
N MET A 135 7.40 18.01 -4.73
CA MET A 135 7.44 16.58 -4.54
C MET A 135 6.96 16.24 -3.13
N TYR A 136 6.60 14.98 -2.98
CA TYR A 136 6.16 14.44 -1.71
C TYR A 136 6.58 12.98 -1.65
N VAL A 137 7.01 12.52 -0.48
CA VAL A 137 7.40 11.13 -0.30
C VAL A 137 6.46 10.51 0.72
N ALA A 138 5.86 9.38 0.36
CA ALA A 138 4.91 8.68 1.22
C ALA A 138 5.41 7.28 1.50
N ILE A 139 5.06 6.75 2.67
CA ILE A 139 5.41 5.40 3.04
C ILE A 139 4.46 4.44 2.35
N GLN A 140 4.99 3.43 1.67
CA GLN A 140 4.16 2.51 0.89
C GLN A 140 3.03 1.91 1.71
N ALA A 141 3.33 1.34 2.87
CA ALA A 141 2.30 0.66 3.65
C ALA A 141 1.18 1.61 4.05
N VAL A 142 1.50 2.87 4.34
CA VAL A 142 0.47 3.82 4.77
C VAL A 142 -0.48 4.11 3.63
N LEU A 143 0.06 4.31 2.43
CA LEU A 143 -0.79 4.52 1.26
C LEU A 143 -1.71 3.33 1.04
N SER A 144 -1.22 2.12 1.28
N SER A 144 -1.23 2.12 1.29
CA SER A 144 -2.06 0.93 1.12
CA SER A 144 -2.07 0.94 1.10
C SER A 144 -3.21 0.93 2.11
C SER A 144 -3.21 0.92 2.12
N LEU A 145 -2.94 1.30 3.36
CA LEU A 145 -4.00 1.34 4.36
C LEU A 145 -5.07 2.35 3.96
N TYR A 146 -4.66 3.54 3.55
CA TYR A 146 -5.61 4.54 3.06
C TYR A 146 -6.45 3.99 1.89
N SER A 147 -5.80 3.28 0.96
N SER A 147 -5.81 3.29 0.96
CA SER A 147 -6.51 2.75 -0.19
CA SER A 147 -6.53 2.74 -0.18
C SER A 147 -7.58 1.75 0.22
C SER A 147 -7.64 1.80 0.26
N SER A 148 -7.45 1.13 1.40
CA SER A 148 -8.43 0.21 1.95
C SER A 148 -9.52 0.91 2.76
N GLY A 149 -9.53 2.25 2.76
CA GLY A 149 -10.49 3.01 3.53
C GLY A 149 -10.34 2.94 5.03
N ARG A 150 -9.11 2.95 5.53
CA ARG A 150 -8.84 2.84 6.95
C ARG A 150 -7.76 3.84 7.35
N THR A 151 -7.85 4.32 8.60
CA THR A 151 -6.77 5.08 9.21
C THR A 151 -6.03 4.30 10.30
N THR A 152 -6.58 3.18 10.73
CA THR A 152 -5.94 2.35 11.75
C THR A 152 -5.99 0.90 11.27
N GLY A 153 -4.87 0.22 11.41
CA GLY A 153 -4.74 -1.16 10.99
C GLY A 153 -3.28 -1.53 10.93
N ILE A 154 -3.03 -2.80 10.63
CA ILE A 154 -1.66 -3.25 10.39
C ILE A 154 -1.61 -3.78 8.97
N VAL A 155 -0.69 -3.24 8.19
CA VAL A 155 -0.51 -3.65 6.81
C VAL A 155 0.59 -4.69 6.73
N LEU A 156 0.31 -5.81 6.07
CA LEU A 156 1.30 -6.80 5.69
C LEU A 156 1.55 -6.58 4.20
N ASP A 157 2.68 -5.97 3.86
CA ASP A 157 3.02 -5.66 2.47
C ASP A 157 4.14 -6.60 2.05
N SER A 158 3.89 -7.41 1.03
CA SER A 158 4.87 -8.39 0.56
C SER A 158 4.97 -8.25 -0.95
N GLY A 159 6.15 -7.85 -1.42
CA GLY A 159 6.38 -7.63 -2.83
C GLY A 159 7.31 -8.67 -3.41
N ASP A 160 8.29 -8.21 -4.20
CA ASP A 160 9.27 -9.10 -4.84
C ASP A 160 10.55 -9.22 -4.03
N GLY A 161 10.93 -8.17 -3.31
CA GLY A 161 12.19 -8.16 -2.59
C GLY A 161 12.10 -8.10 -1.07
N VAL A 162 10.97 -7.67 -0.51
CA VAL A 162 10.89 -7.48 0.93
C VAL A 162 9.44 -7.60 1.35
N SER A 163 9.23 -8.00 2.60
CA SER A 163 7.93 -8.00 3.26
C SER A 163 8.04 -7.12 4.50
N HIS A 164 6.99 -6.35 4.79
CA HIS A 164 6.93 -5.59 6.02
C HIS A 164 5.57 -5.75 6.69
N THR A 165 5.56 -5.67 8.01
CA THR A 165 4.34 -5.50 8.79
C THR A 165 4.41 -4.12 9.44
N VAL A 166 3.39 -3.31 9.19
CA VAL A 166 3.43 -1.90 9.54
C VAL A 166 2.17 -1.53 10.31
N PRO A 167 2.23 -1.47 11.63
CA PRO A 167 1.07 -1.01 12.40
C PRO A 167 0.91 0.50 12.26
N ILE A 168 -0.33 0.93 12.07
CA ILE A 168 -0.66 2.32 11.79
C ILE A 168 -1.84 2.70 12.68
N TYR A 169 -1.74 3.84 13.37
CA TYR A 169 -2.80 4.31 14.25
C TYR A 169 -3.20 5.73 13.90
N GLU A 170 -4.48 5.94 13.61
CA GLU A 170 -5.02 7.26 13.28
C GLU A 170 -4.17 7.97 12.25
N GLY A 171 -3.76 7.22 11.24
CA GLY A 171 -3.14 7.75 10.07
C GLY A 171 -1.64 7.59 10.01
N TYR A 172 -0.99 7.29 11.13
CA TYR A 172 0.48 7.30 11.17
C TYR A 172 1.05 5.98 11.64
N ALA A 173 2.09 5.54 10.92
CA ALA A 173 2.79 4.31 11.28
C ALA A 173 3.41 4.47 12.66
N LEU A 174 3.51 3.35 13.36
CA LEU A 174 4.18 3.30 14.67
C LEU A 174 5.57 2.72 14.45
N PRO A 175 6.59 3.56 14.28
N PRO A 175 6.61 3.55 14.42
CA PRO A 175 7.92 3.03 13.93
CA PRO A 175 7.92 3.06 13.93
C PRO A 175 8.42 1.89 14.79
C PRO A 175 8.55 1.99 14.81
N HIS A 176 8.32 2.00 16.12
CA HIS A 176 8.91 1.00 17.01
C HIS A 176 8.33 -0.39 16.81
N ALA A 177 7.29 -0.54 16.00
CA ALA A 177 6.58 -1.80 15.85
C ALA A 177 6.69 -2.36 14.45
N ILE A 178 7.31 -1.61 13.53
CA ILE A 178 7.46 -2.08 12.17
C ILE A 178 8.45 -3.23 12.13
N MET A 179 8.07 -4.32 11.45
N MET A 179 8.17 -4.24 11.33
CA MET A 179 8.95 -5.45 11.21
CA MET A 179 9.13 -5.34 11.18
C MET A 179 9.33 -5.52 9.73
C MET A 179 9.32 -5.73 9.73
N ARG A 180 10.54 -6.01 9.47
N ARG A 180 10.58 -5.90 9.36
CA ARG A 180 11.02 -6.30 8.12
CA ARG A 180 11.00 -6.18 8.00
C ARG A 180 11.34 -7.79 8.00
C ARG A 180 11.37 -7.65 7.87
N LEU A 181 10.95 -8.38 6.87
N LEU A 181 10.89 -8.30 6.82
CA LEU A 181 11.31 -9.75 6.53
CA LEU A 181 11.28 -9.65 6.48
C LEU A 181 11.75 -9.76 5.07
C LEU A 181 12.05 -9.64 5.17
N ASP A 182 13.02 -10.06 4.82
N ASP A 182 13.21 -10.28 5.16
CA ASP A 182 13.50 -9.95 3.45
CA ASP A 182 14.00 -10.47 3.96
C ASP A 182 12.92 -11.02 2.53
C ASP A 182 13.53 -11.73 3.23
N LEU A 183 12.22 -12.02 3.09
N LEU A 183 12.29 -11.67 2.78
CA LEU A 183 11.62 -13.05 2.28
CA LEU A 183 11.56 -12.86 2.35
C LEU A 183 10.39 -12.49 1.56
C LEU A 183 10.34 -12.48 1.56
N ALA A 184 10.40 -12.60 0.23
CA ALA A 184 9.31 -12.11 -0.58
C ALA A 184 9.26 -12.90 -1.89
N GLY A 185 8.67 -12.28 -2.92
CA GLY A 185 8.28 -13.02 -4.11
C GLY A 185 9.45 -13.61 -4.87
N ARG A 186 10.56 -12.87 -4.96
CA ARG A 186 11.71 -13.41 -5.69
C ARG A 186 12.24 -14.66 -5.00
N ASP A 187 12.28 -14.66 -3.66
CA ASP A 187 12.68 -15.87 -2.95
C ASP A 187 11.75 -17.03 -3.30
N LEU A 188 10.46 -16.75 -3.43
CA LEU A 188 9.52 -17.82 -3.74
C LEU A 188 9.69 -18.31 -5.18
N THR A 189 9.90 -17.37 -6.11
CA THR A 189 10.25 -17.78 -7.47
C THR A 189 11.47 -18.69 -7.47
N GLU A 190 12.53 -18.27 -6.76
CA GLU A 190 13.76 -19.06 -6.74
C GLU A 190 13.52 -20.42 -6.08
N TYR A 191 12.68 -20.46 -5.04
CA TYR A 191 12.39 -21.74 -4.38
C TYR A 191 11.59 -22.66 -5.31
N LEU A 192 10.68 -22.11 -6.10
CA LEU A 192 9.96 -22.96 -7.06
C LEU A 192 10.92 -23.50 -8.11
N MET A 193 11.85 -22.66 -8.58
CA MET A 193 12.89 -23.14 -9.49
C MET A 193 13.64 -24.32 -8.86
N LYS A 194 13.95 -24.22 -7.58
CA LYS A 194 14.68 -25.27 -6.88
C LYS A 194 13.87 -26.57 -6.81
N ILE A 195 12.64 -26.50 -6.29
CA ILE A 195 11.94 -27.76 -6.04
C ILE A 195 11.43 -28.40 -7.34
N LEU A 196 11.32 -27.64 -8.43
CA LEU A 196 11.00 -28.26 -9.70
C LEU A 196 12.08 -29.23 -10.17
N HIS A 197 13.29 -29.19 -9.60
CA HIS A 197 14.29 -30.18 -9.98
C HIS A 197 13.88 -31.58 -9.57
N GLU A 198 12.96 -31.70 -8.60
CA GLU A 198 12.49 -33.02 -8.18
C GLU A 198 11.84 -33.75 -9.34
N ARG A 199 11.15 -33.00 -10.19
CA ARG A 199 10.48 -33.52 -11.37
C ARG A 199 11.37 -33.52 -12.58
N GLY A 200 12.62 -33.09 -12.46
CA GLY A 200 13.55 -33.10 -13.55
C GLY A 200 13.68 -31.81 -14.34
N TYR A 201 13.07 -30.72 -13.88
CA TYR A 201 13.23 -29.45 -14.56
C TYR A 201 14.50 -28.74 -14.11
N GLY A 202 15.17 -28.13 -15.08
N GLY A 202 15.16 -28.07 -15.06
CA GLY A 202 16.26 -27.23 -14.82
CA GLY A 202 16.41 -27.40 -14.75
C GLY A 202 15.93 -25.84 -15.32
C GLY A 202 16.40 -25.89 -14.97
N PHE A 203 15.30 -25.04 -14.46
N PHE A 203 15.31 -25.23 -14.62
CA PHE A 203 15.10 -23.61 -14.70
CA PHE A 203 15.25 -23.78 -14.74
C PHE A 203 16.19 -22.88 -13.91
C PHE A 203 16.40 -23.16 -13.97
N SER A 204 17.12 -22.24 -14.61
CA SER A 204 18.21 -21.55 -13.94
C SER A 204 18.58 -20.20 -14.54
N THR A 205 18.37 -19.97 -15.84
CA THR A 205 18.81 -18.71 -16.40
C THR A 205 17.88 -17.56 -15.98
N SER A 206 18.34 -16.34 -16.23
CA SER A 206 17.54 -15.16 -15.92
C SER A 206 16.19 -15.22 -16.62
N ALA A 207 16.19 -15.60 -17.90
CA ALA A 207 14.94 -15.69 -18.66
C ALA A 207 14.05 -16.82 -18.14
N GLU A 208 14.65 -17.95 -17.76
CA GLU A 208 13.86 -19.04 -17.21
C GLU A 208 13.22 -18.64 -15.89
N LYS A 209 13.90 -17.79 -15.11
CA LYS A 209 13.33 -17.33 -13.86
C LYS A 209 12.06 -16.53 -14.09
N GLU A 210 12.02 -15.74 -15.18
CA GLU A 210 10.81 -15.01 -15.52
C GLU A 210 9.67 -15.98 -15.85
N ILE A 211 10.02 -17.10 -16.52
N ILE A 211 9.98 -17.11 -16.48
CA ILE A 211 9.05 -18.15 -16.82
CA ILE A 211 8.89 -18.04 -16.78
C ILE A 211 8.49 -18.72 -15.52
C ILE A 211 8.45 -18.77 -15.51
N VAL A 212 9.38 -19.11 -14.61
CA VAL A 212 8.96 -19.73 -13.36
C VAL A 212 8.16 -18.76 -12.52
N ARG A 213 8.52 -17.47 -12.55
CA ARG A 213 7.72 -16.49 -11.81
C ARG A 213 6.27 -16.56 -12.25
N ASP A 214 6.04 -16.63 -13.56
CA ASP A 214 4.69 -16.70 -14.12
C ASP A 214 4.01 -18.02 -13.75
N ILE A 215 4.74 -19.14 -13.80
CA ILE A 215 4.16 -20.40 -13.35
C ILE A 215 3.70 -20.27 -11.92
N LYS A 216 4.55 -19.70 -11.07
CA LYS A 216 4.22 -19.46 -9.67
C LYS A 216 2.93 -18.67 -9.54
N GLU A 217 2.82 -17.55 -10.26
CA GLU A 217 1.64 -16.70 -10.14
C GLU A 217 0.39 -17.41 -10.65
N LYS A 218 0.54 -18.28 -11.65
CA LYS A 218 -0.61 -18.93 -12.27
C LYS A 218 -1.10 -20.12 -11.47
N LEU A 219 -0.19 -20.90 -10.90
CA LEU A 219 -0.54 -22.21 -10.40
C LEU A 219 -0.45 -22.36 -8.89
N CYS A 220 0.25 -21.48 -8.20
CA CYS A 220 0.46 -21.71 -6.78
C CYS A 220 -0.77 -21.31 -5.97
N TYR A 221 -0.81 -21.82 -4.74
CA TYR A 221 -1.82 -21.43 -3.77
C TYR A 221 -1.31 -21.77 -2.38
N ILE A 222 -1.95 -21.20 -1.38
CA ILE A 222 -1.55 -21.40 0.01
C ILE A 222 -2.53 -22.37 0.65
N ALA A 223 -1.99 -23.41 1.26
CA ALA A 223 -2.82 -24.40 1.92
C ALA A 223 -3.38 -23.86 3.22
N LEU A 224 -4.61 -24.25 3.55
CA LEU A 224 -5.17 -23.89 4.84
C LEU A 224 -4.40 -24.57 5.97
N ASN A 225 -4.13 -25.86 5.82
CA ASN A 225 -3.32 -26.61 6.76
C ASN A 225 -2.30 -27.40 5.95
N PHE A 226 -1.03 -27.02 6.05
CA PHE A 226 -0.03 -27.57 5.15
C PHE A 226 0.09 -29.08 5.31
N ASP A 227 0.21 -29.57 6.55
CA ASP A 227 0.38 -31.00 6.74
C ASP A 227 -0.79 -31.77 6.15
N GLU A 228 -2.02 -31.28 6.32
N GLU A 228 -2.02 -31.27 6.33
CA GLU A 228 -3.15 -32.01 5.76
CA GLU A 228 -3.20 -31.95 5.79
C GLU A 228 -3.16 -31.93 4.24
C GLU A 228 -3.21 -31.89 4.27
N GLU A 229 -2.72 -30.80 3.68
CA GLU A 229 -2.68 -30.68 2.23
C GLU A 229 -1.65 -31.64 1.63
N MET A 230 -0.53 -31.85 2.33
CA MET A 230 0.45 -32.82 1.85
C MET A 230 -0.16 -34.21 1.81
N LYS A 231 -0.93 -34.56 2.85
CA LYS A 231 -1.52 -35.89 2.90
C LYS A 231 -2.58 -36.08 1.82
N THR A 232 -3.48 -35.10 1.65
CA THR A 232 -4.52 -35.29 0.64
C THR A 232 -3.94 -35.21 -0.77
N SER A 233 -2.95 -34.34 -1.00
CA SER A 233 -2.41 -34.25 -2.36
C SER A 233 -1.75 -35.56 -2.77
N GLU A 234 -1.26 -36.34 -1.81
CA GLU A 234 -0.58 -37.59 -2.14
C GLU A 234 -1.55 -38.70 -2.50
N GLN A 235 -2.84 -38.54 -2.19
CA GLN A 235 -3.82 -39.61 -2.35
C GLN A 235 -4.41 -39.69 -3.75
N SER A 236 -4.13 -38.71 -4.61
CA SER A 236 -4.64 -38.71 -5.97
C SER A 236 -3.79 -37.74 -6.79
N SER A 237 -4.09 -37.67 -8.08
CA SER A 237 -3.47 -36.69 -8.96
C SER A 237 -4.28 -35.41 -9.13
N ASP A 238 -5.28 -35.17 -8.27
CA ASP A 238 -6.08 -33.98 -8.45
C ASP A 238 -5.27 -32.71 -8.22
N ILE A 239 -4.16 -32.80 -7.48
CA ILE A 239 -3.30 -31.65 -7.22
C ILE A 239 -2.64 -31.15 -8.50
N GLU A 240 -2.43 -32.05 -9.46
CA GLU A 240 -1.60 -31.72 -10.61
C GLU A 240 -2.29 -30.78 -11.57
N LYS A 241 -1.59 -29.71 -11.94
CA LYS A 241 -2.10 -28.73 -12.88
C LYS A 241 -0.96 -28.38 -13.85
N SER A 242 -1.32 -28.03 -15.07
CA SER A 242 -0.36 -27.87 -16.13
CA SER A 242 -0.38 -27.88 -16.16
C SER A 242 -0.23 -26.41 -16.56
N TYR A 243 0.83 -26.15 -17.32
CA TYR A 243 1.20 -24.80 -17.72
C TYR A 243 1.93 -24.93 -19.05
N GLU A 244 1.54 -24.12 -20.01
CA GLU A 244 2.18 -24.17 -21.32
C GLU A 244 3.37 -23.21 -21.33
N LEU A 245 4.56 -23.77 -21.60
CA LEU A 245 5.79 -23.00 -21.67
C LEU A 245 5.85 -22.22 -22.97
N PRO A 246 6.71 -21.20 -23.04
CA PRO A 246 6.82 -20.44 -24.29
C PRO A 246 7.06 -21.32 -25.50
N ASP A 247 7.90 -22.34 -25.36
CA ASP A 247 8.27 -23.15 -26.51
C ASP A 247 7.20 -24.16 -26.91
N GLY A 248 6.06 -24.19 -26.22
CA GLY A 248 4.98 -25.10 -26.55
C GLY A 248 4.90 -26.34 -25.70
N ASN A 249 6.00 -26.73 -25.05
CA ASN A 249 5.96 -27.85 -24.12
C ASN A 249 5.04 -27.54 -22.95
N ILE A 250 4.57 -28.58 -22.28
CA ILE A 250 3.64 -28.45 -21.17
C ILE A 250 4.31 -29.02 -19.92
N ILE A 251 4.27 -28.24 -18.85
CA ILE A 251 4.82 -28.69 -17.57
C ILE A 251 3.67 -28.97 -16.62
N THR A 252 3.84 -30.00 -15.81
CA THR A 252 2.86 -30.38 -14.81
C THR A 252 3.45 -30.19 -13.42
N VAL A 253 2.68 -29.54 -12.56
CA VAL A 253 3.12 -29.19 -11.21
C VAL A 253 2.09 -29.75 -10.24
N GLY A 254 2.58 -30.38 -9.18
CA GLY A 254 1.70 -30.94 -8.16
C GLY A 254 1.83 -30.24 -6.82
N ASN A 255 2.31 -30.94 -5.79
CA ASN A 255 2.34 -30.29 -4.50
C ASN A 255 3.29 -29.11 -4.45
N GLU A 256 4.11 -28.90 -5.48
CA GLU A 256 4.93 -27.69 -5.52
C GLU A 256 4.04 -26.45 -5.53
N ARG A 257 2.78 -26.60 -5.95
CA ARG A 257 1.86 -25.47 -6.05
C ARG A 257 1.67 -24.79 -4.70
N PHE A 258 1.57 -25.56 -3.62
CA PHE A 258 1.41 -24.97 -2.30
C PHE A 258 2.66 -25.10 -1.44
N ARG A 259 3.59 -25.99 -1.76
CA ARG A 259 4.86 -26.02 -1.04
C ARG A 259 5.63 -24.72 -1.24
N CYS A 260 5.52 -24.12 -2.42
CA CYS A 260 6.31 -22.92 -2.74
C CYS A 260 5.95 -21.76 -1.83
N PRO A 261 4.69 -21.28 -1.80
CA PRO A 261 4.34 -20.17 -0.90
C PRO A 261 4.27 -20.57 0.57
N GLU A 262 4.31 -21.86 0.88
CA GLU A 262 4.43 -22.27 2.28
C GLU A 262 5.67 -21.66 2.93
N ALA A 263 6.68 -21.33 2.13
CA ALA A 263 7.90 -20.75 2.67
C ALA A 263 7.64 -19.40 3.34
N LEU A 264 6.54 -18.72 2.99
CA LEU A 264 6.15 -17.49 3.68
C LEU A 264 5.88 -17.75 5.15
N PHE A 265 5.32 -18.93 5.47
CA PHE A 265 5.02 -19.32 6.84
C PHE A 265 6.11 -20.17 7.47
N GLN A 266 6.90 -20.87 6.67
CA GLN A 266 8.02 -21.68 7.16
C GLN A 266 9.26 -21.29 6.40
N PRO A 267 9.93 -20.19 6.80
CA PRO A 267 11.15 -19.77 6.10
C PRO A 267 12.27 -20.78 6.13
N SER A 268 12.26 -21.70 7.09
CA SER A 268 13.28 -22.74 7.10
C SER A 268 13.29 -23.53 5.80
N PHE A 269 12.15 -23.61 5.09
CA PHE A 269 12.16 -24.27 3.78
C PHE A 269 13.25 -23.67 2.90
N LEU A 270 13.57 -22.41 3.12
CA LEU A 270 14.57 -21.67 2.37
C LEU A 270 15.92 -21.64 3.06
N GLY A 271 16.07 -22.35 4.16
CA GLY A 271 17.26 -22.23 4.97
C GLY A 271 17.38 -20.92 5.70
N LYS A 272 16.27 -20.25 5.97
CA LYS A 272 16.26 -19.00 6.72
C LYS A 272 15.74 -19.25 8.13
N GLU A 273 16.37 -18.60 9.11
CA GLU A 273 15.89 -18.71 10.49
C GLU A 273 14.77 -17.72 10.80
N ALA A 274 14.39 -16.90 9.83
CA ALA A 274 13.39 -15.87 10.07
C ALA A 274 12.06 -16.48 10.49
N ALA A 275 11.31 -15.70 11.27
CA ALA A 275 9.92 -16.02 11.56
C ALA A 275 9.08 -15.85 10.31
N GLY A 276 8.01 -16.65 10.22
CA GLY A 276 7.07 -16.55 9.13
C GLY A 276 6.19 -15.32 9.25
N ILE A 277 5.34 -15.13 8.23
CA ILE A 277 4.62 -13.86 8.13
C ILE A 277 3.53 -13.78 9.19
N HIS A 278 2.99 -14.93 9.62
CA HIS A 278 1.99 -14.94 10.69
C HIS A 278 2.62 -14.52 12.01
N THR A 279 3.72 -15.18 12.38
CA THR A 279 4.47 -14.80 13.57
C THR A 279 4.90 -13.34 13.54
N THR A 280 5.37 -12.87 12.38
CA THR A 280 5.84 -11.50 12.30
C THR A 280 4.71 -10.50 12.49
N THR A 281 3.55 -10.75 11.88
CA THR A 281 2.39 -9.88 12.08
C THR A 281 1.98 -9.85 13.55
N PHE A 282 1.89 -11.02 14.19
CA PHE A 282 1.63 -11.11 15.63
C PHE A 282 2.65 -10.30 16.43
N ASN A 283 3.94 -10.53 16.19
CA ASN A 283 4.96 -9.81 16.97
C ASN A 283 4.81 -8.30 16.81
N SER A 284 4.49 -7.86 15.60
CA SER A 284 4.31 -6.45 15.32
C SER A 284 3.17 -5.84 16.13
N ILE A 285 2.03 -6.55 16.15
CA ILE A 285 0.88 -6.06 16.92
C ILE A 285 1.23 -5.97 18.40
N LYS A 286 1.96 -6.97 18.93
CA LYS A 286 2.31 -6.99 20.34
C LYS A 286 3.20 -5.82 20.73
N LYS A 287 4.00 -5.29 19.80
N LYS A 287 4.00 -5.29 19.79
CA LYS A 287 4.84 -4.15 20.13
CA LYS A 287 4.84 -4.14 20.09
C LYS A 287 4.02 -2.87 20.34
C LYS A 287 4.01 -2.88 20.38
N CYS A 288 2.75 -2.88 19.97
CA CYS A 288 1.86 -1.74 20.16
C CYS A 288 1.11 -1.90 21.47
N ASP A 289 0.75 -0.78 22.09
CA ASP A 289 0.23 -0.89 23.44
C ASP A 289 -1.11 -1.61 23.43
N VAL A 290 -1.41 -2.31 24.52
N VAL A 290 -1.42 -2.28 24.55
CA VAL A 290 -2.57 -3.20 24.54
CA VAL A 290 -2.56 -3.19 24.61
C VAL A 290 -3.83 -2.45 24.10
C VAL A 290 -3.86 -2.48 24.27
N ASP A 291 -3.94 -1.17 24.48
CA ASP A 291 -5.18 -0.45 24.28
C ASP A 291 -5.51 -0.19 22.82
N ILE A 292 -4.59 -0.40 21.88
CA ILE A 292 -4.91 -0.24 20.47
C ILE A 292 -4.82 -1.55 19.70
N ARG A 293 -4.48 -2.65 20.35
CA ARG A 293 -4.26 -3.88 19.59
C ARG A 293 -5.55 -4.40 18.97
N LYS A 294 -6.70 -4.19 19.62
CA LYS A 294 -7.96 -4.69 19.08
C LYS A 294 -8.19 -4.16 17.67
N ASP A 295 -7.92 -2.88 17.44
CA ASP A 295 -8.12 -2.29 16.12
C ASP A 295 -7.07 -2.76 15.12
N LEU A 296 -5.95 -3.29 15.58
CA LEU A 296 -4.95 -3.79 14.65
C LEU A 296 -5.29 -5.22 14.24
N TYR A 297 -5.53 -6.08 15.24
CA TYR A 297 -5.97 -7.44 14.99
C TYR A 297 -7.20 -7.48 14.11
N GLY A 298 -8.09 -6.50 14.26
CA GLY A 298 -9.33 -6.44 13.52
C GLY A 298 -9.21 -5.80 12.17
N ASN A 299 -8.01 -5.36 11.79
CA ASN A 299 -7.77 -4.65 10.54
C ASN A 299 -6.38 -5.02 10.00
N ILE A 300 -6.16 -6.30 9.76
CA ILE A 300 -4.93 -6.79 9.15
C ILE A 300 -5.14 -6.73 7.64
N VAL A 301 -4.45 -5.79 6.99
CA VAL A 301 -4.70 -5.46 5.59
C VAL A 301 -3.55 -5.96 4.75
N LEU A 302 -3.86 -6.76 3.73
CA LEU A 302 -2.83 -7.29 2.85
C LEU A 302 -2.55 -6.33 1.70
N SER A 303 -1.27 -6.27 1.32
CA SER A 303 -0.77 -5.38 0.28
C SER A 303 0.33 -6.06 -0.50
N GLY A 304 0.41 -5.80 -1.81
CA GLY A 304 1.55 -6.23 -2.60
C GLY A 304 1.33 -7.55 -3.31
N GLY A 305 2.13 -7.77 -4.36
CA GLY A 305 1.87 -8.90 -5.24
C GLY A 305 1.97 -10.25 -4.57
N THR A 306 2.85 -10.39 -3.59
CA THR A 306 3.04 -11.71 -2.98
C THR A 306 1.95 -12.04 -1.98
N THR A 307 1.03 -11.11 -1.69
CA THR A 307 -0.16 -11.46 -0.94
C THR A 307 -1.31 -11.91 -1.84
N MET A 308 -1.06 -12.13 -3.14
CA MET A 308 -2.13 -12.47 -4.06
C MET A 308 -2.49 -13.94 -4.09
N TYR A 309 -1.74 -14.81 -3.40
CA TYR A 309 -2.05 -16.24 -3.46
C TYR A 309 -3.46 -16.54 -2.99
N GLU A 310 -4.14 -17.41 -3.74
CA GLU A 310 -5.38 -18.00 -3.26
C GLU A 310 -5.13 -18.63 -1.90
N GLY A 311 -6.06 -18.44 -0.97
CA GLY A 311 -5.95 -19.08 0.31
C GLY A 311 -5.22 -18.30 1.38
N ILE A 312 -4.60 -17.16 1.04
CA ILE A 312 -3.72 -16.51 2.00
C ILE A 312 -4.52 -15.94 3.18
N GLY A 313 -5.68 -15.33 2.92
CA GLY A 313 -6.44 -14.76 4.02
C GLY A 313 -6.92 -15.80 5.00
N GLU A 314 -7.43 -16.92 4.49
CA GLU A 314 -7.91 -17.98 5.36
C GLU A 314 -6.77 -18.58 6.18
N ARG A 315 -5.61 -18.75 5.57
CA ARG A 315 -4.47 -19.29 6.28
C ARG A 315 -3.98 -18.31 7.34
N LEU A 316 -3.83 -17.04 6.96
CA LEU A 316 -3.34 -16.07 7.93
C LEU A 316 -4.31 -15.92 9.08
N THR A 317 -5.62 -15.93 8.80
CA THR A 317 -6.60 -15.84 9.87
C THR A 317 -6.46 -17.00 10.85
N ARG A 318 -6.37 -18.22 10.33
CA ARG A 318 -6.22 -19.37 11.21
C ARG A 318 -4.94 -19.25 12.04
N ASP A 319 -3.83 -18.91 11.40
CA ASP A 319 -2.54 -18.95 12.10
C ASP A 319 -2.44 -17.81 13.11
N ILE A 320 -2.89 -16.60 12.76
CA ILE A 320 -2.82 -15.52 13.75
C ILE A 320 -3.82 -15.76 14.87
N THR A 321 -4.99 -16.34 14.57
CA THR A 321 -5.92 -16.66 15.65
C THR A 321 -5.30 -17.61 16.65
N THR A 322 -4.51 -18.58 16.17
CA THR A 322 -3.83 -19.50 17.08
C THR A 322 -2.80 -18.78 17.94
N LEU A 323 -2.09 -17.81 17.37
CA LEU A 323 -1.04 -17.09 18.11
C LEU A 323 -1.63 -16.11 19.11
N ALA A 324 -2.69 -15.41 18.73
CA ALA A 324 -3.20 -14.26 19.48
C ALA A 324 -4.00 -14.69 20.70
N PRO A 325 -4.19 -13.80 21.67
CA PRO A 325 -5.08 -14.11 22.80
C PRO A 325 -6.46 -14.47 22.30
N SER A 326 -7.08 -15.45 22.95
N SER A 326 -7.08 -15.44 22.97
CA SER A 326 -8.37 -15.93 22.48
CA SER A 326 -8.38 -15.97 22.56
C SER A 326 -9.45 -14.86 22.51
C SER A 326 -9.51 -14.98 22.72
N THR A 327 -9.25 -13.81 23.30
CA THR A 327 -10.23 -12.76 23.42
C THR A 327 -10.15 -11.76 22.28
N MET A 328 -9.17 -11.89 21.40
CA MET A 328 -8.98 -10.95 20.31
C MET A 328 -9.82 -11.41 19.13
N LYS A 329 -10.26 -10.44 18.33
CA LYS A 329 -10.98 -10.74 17.10
C LYS A 329 -10.04 -10.50 15.94
N ILE A 330 -9.74 -11.54 15.17
CA ILE A 330 -8.83 -11.46 14.05
C ILE A 330 -9.64 -11.24 12.78
N LYS A 331 -9.25 -10.27 11.97
CA LYS A 331 -9.87 -10.08 10.66
C LYS A 331 -8.78 -9.73 9.68
N VAL A 332 -8.58 -10.58 8.68
CA VAL A 332 -7.60 -10.33 7.62
C VAL A 332 -8.36 -9.84 6.39
N VAL A 333 -7.95 -8.68 5.89
CA VAL A 333 -8.60 -8.01 4.76
C VAL A 333 -7.73 -8.20 3.52
N ALA A 334 -8.32 -8.68 2.44
CA ALA A 334 -7.59 -8.97 1.20
C ALA A 334 -8.22 -8.22 0.04
N PRO A 335 -7.89 -6.95 -0.12
CA PRO A 335 -8.54 -6.15 -1.18
C PRO A 335 -8.21 -6.69 -2.55
N PRO A 336 -9.19 -6.74 -3.46
CA PRO A 336 -8.94 -7.36 -4.77
C PRO A 336 -7.87 -6.67 -5.58
N GLU A 337 -7.71 -5.35 -5.48
N GLU A 337 -7.74 -5.34 -5.45
CA GLU A 337 -6.69 -4.65 -6.25
CA GLU A 337 -6.75 -4.55 -6.15
C GLU A 337 -5.41 -4.44 -5.44
C GLU A 337 -5.48 -4.35 -5.34
N ARG A 338 -5.18 -5.25 -4.40
CA ARG A 338 -4.08 -5.01 -3.47
C ARG A 338 -2.70 -5.08 -4.14
N LYS A 339 -2.60 -5.65 -5.33
CA LYS A 339 -1.32 -5.66 -6.04
C LYS A 339 -0.82 -4.25 -6.32
N TYR A 340 -1.73 -3.30 -6.47
CA TYR A 340 -1.38 -1.91 -6.75
C TYR A 340 -1.92 -0.96 -5.70
N SER A 341 -2.16 -1.43 -4.48
N SER A 341 -2.21 -1.48 -4.50
CA SER A 341 -2.84 -0.57 -3.53
CA SER A 341 -2.77 -0.66 -3.43
C SER A 341 -1.94 0.57 -3.05
C SER A 341 -1.93 0.58 -3.19
N VAL A 342 -0.62 0.38 -3.07
CA VAL A 342 0.29 1.48 -2.75
C VAL A 342 0.10 2.59 -3.78
N TRP A 343 0.17 2.24 -5.07
CA TRP A 343 0.01 3.22 -6.12
C TRP A 343 -1.35 3.91 -6.03
N ILE A 344 -2.42 3.12 -5.86
CA ILE A 344 -3.76 3.71 -5.79
C ILE A 344 -3.87 4.67 -4.62
N GLY A 345 -3.31 4.30 -3.47
CA GLY A 345 -3.35 5.22 -2.34
C GLY A 345 -2.64 6.52 -2.64
N GLY A 346 -1.52 6.45 -3.35
CA GLY A 346 -0.83 7.67 -3.73
C GLY A 346 -1.63 8.50 -4.71
N SER A 347 -2.34 7.83 -5.62
CA SER A 347 -3.18 8.51 -6.59
C SER A 347 -4.31 9.25 -5.91
N ILE A 348 -4.93 8.63 -4.91
CA ILE A 348 -6.00 9.26 -4.15
C ILE A 348 -5.45 10.44 -3.37
N LEU A 349 -4.37 10.21 -2.61
CA LEU A 349 -3.82 11.23 -1.74
C LEU A 349 -3.46 12.47 -2.56
N SER A 350 -2.78 12.26 -3.68
CA SER A 350 -2.28 13.37 -4.47
C SER A 350 -3.37 14.04 -5.30
N SER A 351 -4.60 13.50 -5.29
CA SER A 351 -5.73 14.13 -5.97
C SER A 351 -6.54 15.03 -5.05
N LEU A 352 -6.32 14.92 -3.74
CA LEU A 352 -7.17 15.63 -2.78
C LEU A 352 -6.92 17.13 -2.87
N SER A 353 -7.99 17.89 -2.62
N SER A 353 -7.99 17.90 -2.68
CA SER A 353 -7.97 19.34 -2.60
CA SER A 353 -7.85 19.35 -2.67
C SER A 353 -7.13 19.91 -1.46
C SER A 353 -6.74 19.77 -1.72
N THR A 354 -6.55 19.05 -0.62
CA THR A 354 -5.64 19.46 0.44
C THR A 354 -4.18 19.16 0.16
N PHE A 355 -3.88 18.43 -0.88
N PHE A 355 -3.87 18.36 -0.87
CA PHE A 355 -2.50 18.06 -1.08
CA PHE A 355 -2.49 17.91 -1.14
C PHE A 355 -1.68 19.16 -1.72
C PHE A 355 -1.56 19.05 -1.50
N GLN A 356 -2.31 20.12 -2.40
N GLN A 356 -2.09 20.18 -1.98
CA GLN A 356 -1.59 21.29 -2.88
CA GLN A 356 -1.22 21.26 -2.40
C GLN A 356 -0.80 21.91 -1.75
C GLN A 356 -0.34 21.77 -1.26
N GLN A 357 -1.39 21.97 -0.55
N GLN A 357 -0.78 21.61 -0.03
CA GLN A 357 -0.74 22.59 0.57
CA GLN A 357 -0.04 22.10 1.12
C GLN A 357 0.44 21.79 1.11
C GLN A 357 0.79 21.02 1.79
N MET A 358 0.50 20.50 0.79
N MET A 358 0.80 19.79 1.24
CA MET A 358 1.45 19.60 1.42
CA MET A 358 1.60 18.71 1.77
C MET A 358 2.70 19.33 0.59
C MET A 358 2.98 18.60 1.12
N TRP A 359 2.72 19.72 -0.68
N TRP A 359 3.14 19.10 -0.08
CA TRP A 359 3.91 19.51 -1.50
CA TRP A 359 4.37 18.84 -0.82
C TRP A 359 5.10 20.30 -0.97
C TRP A 359 5.46 19.83 -0.45
N ILE A 360 6.28 19.67 -0.99
N ILE A 360 6.68 19.51 -0.89
CA ILE A 360 7.55 20.39 -0.87
CA ILE A 360 7.83 20.40 -0.80
C ILE A 360 7.83 21.08 -2.19
C ILE A 360 8.00 21.07 -2.15
N THR A 361 8.05 22.39 -2.17
CA THR A 361 8.32 23.09 -3.42
C THR A 361 9.83 23.15 -3.71
N LYS A 362 10.17 23.35 -5.00
N LYS A 362 10.18 23.37 -4.98
CA LYS A 362 11.56 23.57 -5.40
CA LYS A 362 11.60 23.51 -5.30
C LYS A 362 12.13 24.81 -4.76
C LYS A 362 12.19 24.74 -4.62
N GLU A 363 11.32 25.84 -4.53
N GLU A 363 11.42 25.82 -4.50
CA GLU A 363 11.80 27.04 -3.84
CA GLU A 363 11.94 27.01 -3.84
C GLU A 363 12.23 26.72 -2.42
C GLU A 363 12.25 26.73 -2.37
N GLU A 364 11.39 25.98 -1.70
CA GLU A 364 11.70 25.53 -0.34
C GLU A 364 12.96 24.69 -0.32
N TYR A 365 13.06 23.73 -1.25
CA TYR A 365 14.28 22.93 -1.36
C TYR A 365 15.49 23.82 -1.61
N ASP A 366 15.37 24.74 -2.57
CA ASP A 366 16.49 25.62 -2.90
C ASP A 366 16.96 26.42 -1.68
N GLU A 367 16.03 26.80 -0.79
N GLU A 367 16.07 26.76 -0.77
CA GLU A 367 16.40 27.58 0.39
CA GLU A 367 16.45 27.57 0.38
C GLU A 367 16.88 26.68 1.53
C GLU A 367 16.52 26.80 1.68
N SER A 368 16.31 25.47 1.66
CA SER A 368 16.54 24.63 2.82
C SER A 368 17.28 23.33 2.53
N GLY A 369 17.45 22.95 1.26
CA GLY A 369 18.18 21.74 0.93
C GLY A 369 17.37 20.48 1.18
N PRO A 370 17.97 19.32 0.87
CA PRO A 370 17.19 18.07 0.89
C PRO A 370 16.60 17.70 2.25
N SER A 371 17.13 18.25 3.35
CA SER A 371 16.61 17.92 4.67
C SER A 371 15.18 18.38 4.87
N ILE A 372 14.70 19.31 4.03
CA ILE A 372 13.31 19.74 4.10
C ILE A 372 12.37 18.55 4.05
N VAL A 373 12.81 17.44 3.45
CA VAL A 373 11.91 16.32 3.21
C VAL A 373 11.37 15.78 4.54
N HIS A 374 12.18 15.80 5.59
CA HIS A 374 11.78 15.18 6.84
C HIS A 374 10.68 15.98 7.55
N ARG A 375 10.85 17.30 7.60
CA ARG A 375 9.84 18.15 8.21
C ARG A 375 8.52 18.16 7.42
N LYS A 376 8.58 17.88 6.12
CA LYS A 376 7.41 18.02 5.27
C LYS A 376 6.70 16.71 4.93
N CYS A 377 7.36 15.57 5.07
CA CYS A 377 6.75 14.30 4.73
C CYS A 377 6.77 13.35 5.94
N VAL B 5 -5.08 24.70 7.97
CA VAL B 5 -4.70 24.67 6.56
C VAL B 5 -5.39 25.84 5.85
N GLU B 6 -5.64 25.69 4.55
CA GLU B 6 -6.39 26.68 3.78
C GLU B 6 -7.71 26.18 3.24
N HIS B 7 -8.01 24.89 3.40
CA HIS B 7 -9.27 24.35 2.93
C HIS B 7 -10.42 25.05 3.65
N PRO B 8 -11.34 25.70 2.95
CA PRO B 8 -12.38 26.46 3.67
C PRO B 8 -13.13 25.62 4.69
N GLU B 9 -13.34 24.32 4.43
CA GLU B 9 -14.11 23.51 5.35
C GLU B 9 -13.32 23.15 6.59
N PHE B 10 -12.00 23.01 6.49
CA PHE B 10 -11.19 22.85 7.69
C PHE B 10 -11.35 24.07 8.59
N LEU B 11 -11.35 25.26 7.99
CA LEU B 11 -11.44 26.50 8.74
C LEU B 11 -12.75 26.61 9.50
N LYS B 12 -13.81 25.96 9.02
CA LYS B 12 -15.07 25.94 9.74
C LYS B 12 -15.15 24.83 10.78
N ALA B 13 -14.21 23.88 10.76
CA ALA B 13 -14.38 22.64 11.51
C ALA B 13 -14.15 22.85 13.00
N GLY B 14 -15.09 22.38 13.81
CA GLY B 14 -14.87 22.31 15.24
C GLY B 14 -14.83 23.63 15.98
N LYS B 15 -15.54 24.64 15.48
N LYS B 15 -15.53 24.64 15.46
CA LYS B 15 -15.51 25.94 16.13
CA LYS B 15 -15.55 25.96 16.08
C LYS B 15 -16.63 26.14 17.15
C LYS B 15 -16.60 26.08 17.18
N GLU B 16 -17.70 25.36 17.05
CA GLU B 16 -18.82 25.42 17.97
C GLU B 16 -19.29 24.00 18.25
N PRO B 17 -19.89 23.76 19.41
CA PRO B 17 -20.53 22.45 19.64
C PRO B 17 -21.58 22.18 18.58
N GLY B 18 -21.67 20.94 18.15
CA GLY B 18 -22.64 20.59 17.14
C GLY B 18 -22.15 19.44 16.30
N LEU B 19 -22.78 19.31 15.13
CA LEU B 19 -22.58 18.18 14.23
C LEU B 19 -22.34 18.72 12.83
N GLN B 20 -21.24 18.30 12.23
CA GLN B 20 -20.84 18.71 10.90
C GLN B 20 -20.63 17.48 10.05
N ILE B 21 -21.26 17.46 8.88
CA ILE B 21 -21.23 16.31 7.98
C ILE B 21 -20.79 16.78 6.61
N TRP B 22 -19.79 16.11 6.06
CA TRP B 22 -19.30 16.34 4.72
C TRP B 22 -19.40 15.04 3.93
N ARG B 23 -19.60 15.17 2.63
CA ARG B 23 -19.57 14.04 1.72
C ARG B 23 -18.33 14.15 0.85
N VAL B 24 -17.65 13.03 0.60
CA VAL B 24 -16.57 13.02 -0.37
C VAL B 24 -17.20 13.14 -1.76
N GLU B 25 -16.78 14.15 -2.51
CA GLU B 25 -17.27 14.31 -3.88
C GLU B 25 -16.07 14.62 -4.76
N LYS B 26 -15.71 13.68 -5.62
CA LYS B 26 -14.65 13.91 -6.60
C LYS B 26 -13.41 14.47 -5.92
N PHE B 27 -12.92 13.74 -4.92
CA PHE B 27 -11.69 14.02 -4.21
C PHE B 27 -11.73 15.31 -3.38
N ASP B 28 -12.92 15.81 -3.05
CA ASP B 28 -13.06 17.01 -2.24
C ASP B 28 -14.03 16.71 -1.10
N LEU B 29 -14.01 17.59 -0.11
CA LEU B 29 -14.85 17.49 1.09
C LEU B 29 -15.94 18.54 0.95
N VAL B 30 -17.18 18.11 0.76
CA VAL B 30 -18.28 19.01 0.43
C VAL B 30 -19.33 18.92 1.53
N PRO B 31 -19.76 20.05 2.10
CA PRO B 31 -20.79 20.00 3.14
C PRO B 31 -22.07 19.35 2.65
N VAL B 32 -22.65 18.52 3.52
CA VAL B 32 -23.96 17.94 3.28
C VAL B 32 -25.04 18.97 3.66
N PRO B 33 -26.05 19.20 2.83
CA PRO B 33 -27.12 20.13 3.22
C PRO B 33 -27.76 19.70 4.52
N PRO B 34 -27.90 20.61 5.48
CA PRO B 34 -28.45 20.20 6.78
C PRO B 34 -29.77 19.47 6.73
N ASN B 35 -30.63 19.79 5.75
N ASN B 35 -30.62 19.78 5.73
CA ASN B 35 -31.91 19.09 5.66
CA ASN B 35 -31.91 19.12 5.62
C ASN B 35 -31.72 17.59 5.47
C ASN B 35 -31.81 17.67 5.13
N LEU B 36 -30.59 17.17 4.92
CA LEU B 36 -30.35 15.76 4.58
C LEU B 36 -29.59 15.01 5.66
N TYR B 37 -29.29 15.65 6.80
CA TYR B 37 -28.49 15.01 7.84
C TYR B 37 -29.20 13.76 8.35
N GLY B 38 -28.46 12.66 8.45
CA GLY B 38 -28.99 11.40 8.91
C GLY B 38 -29.38 10.42 7.81
N ASP B 39 -29.55 10.90 6.58
CA ASP B 39 -29.82 10.05 5.43
C ASP B 39 -28.55 9.96 4.60
N PHE B 40 -28.00 8.75 4.45
CA PHE B 40 -26.71 8.59 3.79
C PHE B 40 -26.88 7.77 2.51
N PHE B 41 -26.29 8.28 1.42
CA PHE B 41 -26.26 7.53 0.16
C PHE B 41 -25.37 6.30 0.30
N THR B 42 -25.92 5.12 -0.01
N THR B 42 -25.92 5.12 -0.01
CA THR B 42 -25.11 3.90 0.07
CA THR B 42 -25.13 3.89 0.07
C THR B 42 -23.94 3.95 -0.91
C THR B 42 -24.00 3.87 -0.96
N GLY B 43 -24.06 4.70 -1.99
CA GLY B 43 -22.98 4.81 -2.95
C GLY B 43 -21.85 5.75 -2.59
N ASP B 44 -21.86 6.31 -1.38
CA ASP B 44 -20.93 7.38 -1.04
C ASP B 44 -20.21 7.15 0.28
N ALA B 45 -19.20 8.00 0.52
CA ALA B 45 -18.47 8.07 1.78
C ALA B 45 -18.55 9.48 2.35
N TYR B 46 -18.58 9.54 3.68
CA TYR B 46 -18.80 10.79 4.40
C TYR B 46 -17.81 10.92 5.54
N VAL B 47 -17.59 12.16 5.96
CA VAL B 47 -16.81 12.46 7.16
C VAL B 47 -17.71 13.26 8.09
N ILE B 48 -17.71 12.89 9.37
CA ILE B 48 -18.61 13.47 10.35
C ILE B 48 -17.79 13.93 11.56
N LEU B 49 -17.93 15.20 11.94
CA LEU B 49 -17.29 15.70 13.15
C LEU B 49 -18.33 16.08 14.18
N LYS B 50 -18.25 15.44 15.34
CA LYS B 50 -19.13 15.76 16.48
C LYS B 50 -18.31 16.55 17.49
N THR B 51 -18.74 17.78 17.78
CA THR B 51 -18.04 18.66 18.69
C THR B 51 -18.88 18.82 19.94
N VAL B 52 -18.26 18.59 21.09
CA VAL B 52 -18.94 18.66 22.38
C VAL B 52 -18.21 19.68 23.24
N GLN B 53 -18.96 20.48 23.99
CA GLN B 53 -18.40 21.50 24.86
C GLN B 53 -18.26 20.95 26.27
N LEU B 54 -17.04 21.03 26.83
CA LEU B 54 -16.77 20.57 28.18
C LEU B 54 -16.52 21.76 29.12
N ASN B 56 -15.95 21.47 30.30
CA ASN B 56 -15.29 22.45 31.17
C ASN B 56 -14.42 23.39 30.34
N GLY B 57 -15.04 24.41 29.75
CA GLY B 57 -14.35 25.26 28.80
C GLY B 57 -14.09 24.59 27.46
N ASN B 58 -13.28 23.54 27.45
CA ASN B 58 -12.70 23.05 26.20
C ASN B 58 -13.75 22.33 25.35
N LEU B 59 -13.32 21.96 24.14
CA LEU B 59 -14.13 21.23 23.19
C LEU B 59 -13.52 19.86 22.97
N GLN B 60 -14.38 18.85 22.83
CA GLN B 60 -13.92 17.50 22.52
C GLN B 60 -14.45 17.13 21.15
N TYR B 61 -13.66 16.33 20.45
CA TYR B 61 -13.91 16.06 19.03
C TYR B 61 -13.94 14.56 18.79
N ASP B 62 -14.95 14.11 18.08
CA ASP B 62 -14.98 12.76 17.56
C ASP B 62 -15.21 12.82 16.06
N LEU B 63 -14.31 12.21 15.31
CA LEU B 63 -14.36 12.15 13.87
C LEU B 63 -14.77 10.75 13.45
N HIS B 64 -15.82 10.65 12.66
CA HIS B 64 -16.27 9.39 12.11
C HIS B 64 -16.23 9.48 10.60
N TYR B 65 -15.75 8.44 9.93
CA TYR B 65 -15.85 8.37 8.47
C TYR B 65 -16.76 7.19 8.17
N TRP B 66 -17.78 7.44 7.36
CA TRP B 66 -18.86 6.49 7.12
C TRP B 66 -18.77 6.04 5.68
N LEU B 67 -18.77 4.72 5.49
CA LEU B 67 -18.53 4.11 4.20
C LEU B 67 -19.77 3.36 3.74
N GLY B 68 -20.43 3.87 2.69
CA GLY B 68 -21.54 3.16 2.12
C GLY B 68 -21.11 1.87 1.44
N ASN B 69 -22.03 0.92 1.38
CA ASN B 69 -21.72 -0.40 0.85
C ASN B 69 -21.34 -0.37 -0.62
N GLU B 70 -21.71 0.68 -1.36
CA GLU B 70 -21.35 0.76 -2.77
C GLU B 70 -20.46 1.95 -3.09
N CYS B 71 -19.83 2.55 -2.09
CA CYS B 71 -18.97 3.69 -2.40
C CYS B 71 -17.70 3.18 -3.06
N SER B 72 -17.08 4.03 -3.87
CA SER B 72 -15.93 3.64 -4.66
C SER B 72 -14.65 3.86 -3.85
N GLN B 73 -13.57 3.22 -4.31
CA GLN B 73 -12.35 3.20 -3.52
C GLN B 73 -11.76 4.60 -3.37
N ASP B 74 -11.92 5.46 -4.37
CA ASP B 74 -11.45 6.84 -4.21
C ASP B 74 -12.20 7.54 -3.09
N GLU B 75 -13.48 7.21 -2.90
CA GLU B 75 -14.30 7.87 -1.91
C GLU B 75 -13.97 7.38 -0.51
N SER B 76 -13.85 6.07 -0.32
CA SER B 76 -13.49 5.54 0.99
C SER B 76 -12.07 5.92 1.36
N GLY B 77 -11.13 5.87 0.41
CA GLY B 77 -9.76 6.30 0.67
C GLY B 77 -9.69 7.76 1.04
N ALA B 78 -10.36 8.63 0.26
CA ALA B 78 -10.38 10.05 0.58
C ALA B 78 -11.05 10.30 1.94
N ALA B 79 -12.09 9.55 2.26
CA ALA B 79 -12.73 9.75 3.57
C ALA B 79 -11.75 9.47 4.70
N ALA B 80 -10.96 8.41 4.55
CA ALA B 80 -9.96 8.07 5.55
C ALA B 80 -8.90 9.15 5.64
N ILE B 81 -8.36 9.59 4.51
CA ILE B 81 -7.30 10.59 4.52
C ILE B 81 -7.81 11.91 5.09
N PHE B 82 -8.97 12.39 4.60
CA PHE B 82 -9.52 13.64 5.11
C PHE B 82 -9.73 13.56 6.62
N THR B 83 -10.12 12.40 7.12
CA THR B 83 -10.25 12.22 8.57
C THR B 83 -8.93 12.47 9.28
N VAL B 84 -7.84 11.87 8.76
CA VAL B 84 -6.52 12.09 9.35
C VAL B 84 -6.15 13.56 9.31
N GLN B 85 -6.40 14.21 8.16
CA GLN B 85 -6.00 15.61 8.00
C GLN B 85 -6.81 16.53 8.90
N LEU B 86 -8.11 16.27 9.06
CA LEU B 86 -8.90 17.08 9.99
C LEU B 86 -8.41 16.90 11.42
N ASP B 87 -8.17 15.65 11.82
CA ASP B 87 -7.58 15.41 13.14
C ASP B 87 -6.30 16.20 13.32
N ASP B 88 -5.38 16.13 12.34
CA ASP B 88 -4.14 16.89 12.45
C ASP B 88 -4.43 18.38 12.65
N TYR B 89 -5.39 18.90 11.87
CA TYR B 89 -5.75 20.31 11.97
C TYR B 89 -6.30 20.62 13.35
N LEU B 90 -6.99 19.67 13.97
CA LEU B 90 -7.43 19.82 15.35
C LEU B 90 -6.35 19.35 16.33
N ASN B 91 -5.08 19.49 15.93
N ASN B 91 -5.09 19.49 15.92
CA ASN B 91 -3.94 19.21 16.79
CA ASN B 91 -3.94 19.20 16.78
C ASN B 91 -3.97 17.79 17.36
C ASN B 91 -4.00 17.79 17.37
N GLY B 92 -4.54 16.85 16.60
CA GLY B 92 -4.56 15.46 17.01
C GLY B 92 -5.55 15.13 18.10
N ARG B 93 -6.38 16.08 18.52
N ARG B 93 -6.39 16.10 18.49
CA ARG B 93 -7.23 15.85 19.68
CA ARG B 93 -7.28 15.96 19.63
C ARG B 93 -8.52 15.10 19.35
C ARG B 93 -8.46 15.04 19.35
N ALA B 94 -8.81 14.83 18.08
CA ALA B 94 -10.00 14.07 17.75
C ALA B 94 -9.73 12.58 17.88
N VAL B 95 -10.78 11.85 18.23
CA VAL B 95 -10.74 10.40 18.20
C VAL B 95 -11.40 9.97 16.90
N GLN B 96 -10.73 9.09 16.16
CA GLN B 96 -11.19 8.68 14.84
C GLN B 96 -11.98 7.39 14.93
N HIS B 97 -13.06 7.30 14.16
CA HIS B 97 -13.92 6.12 14.18
C HIS B 97 -14.28 5.74 12.75
N ARG B 98 -14.04 4.47 12.39
CA ARG B 98 -14.48 3.94 11.10
C ARG B 98 -15.91 3.43 11.25
N GLU B 99 -16.82 3.86 10.37
CA GLU B 99 -18.22 3.47 10.47
C GLU B 99 -18.64 2.83 9.15
N VAL B 100 -19.04 1.58 9.19
CA VAL B 100 -19.44 0.84 8.01
C VAL B 100 -20.96 0.74 7.96
N GLN B 101 -21.53 0.95 6.78
CA GLN B 101 -22.99 0.94 6.65
C GLN B 101 -23.59 -0.31 7.27
N GLY B 102 -24.53 -0.11 8.19
CA GLY B 102 -25.22 -1.21 8.82
C GLY B 102 -24.54 -1.80 10.03
N PHE B 103 -23.31 -1.36 10.35
CA PHE B 103 -22.55 -1.82 11.51
C PHE B 103 -21.99 -0.64 12.29
N GLU B 104 -22.69 0.48 12.28
CA GLU B 104 -22.21 1.70 12.89
C GLU B 104 -22.25 1.60 14.42
N SER B 105 -21.34 2.32 15.08
CA SER B 105 -21.34 2.37 16.53
C SER B 105 -22.62 3.00 17.07
N SER B 106 -23.03 2.60 18.27
CA SER B 106 -24.19 3.24 18.88
C SER B 106 -23.96 4.73 19.08
N THR B 107 -22.71 5.14 19.33
CA THR B 107 -22.41 6.57 19.47
C THR B 107 -22.76 7.31 18.20
N PHE B 108 -22.41 6.75 17.04
CA PHE B 108 -22.67 7.41 15.77
C PHE B 108 -24.17 7.48 15.49
N SER B 109 -24.87 6.35 15.64
N SER B 109 -24.89 6.37 15.67
CA SER B 109 -26.31 6.35 15.45
CA SER B 109 -26.32 6.41 15.39
C SER B 109 -26.97 7.41 16.32
C SER B 109 -27.07 7.32 16.37
N GLY B 110 -26.55 7.49 17.59
CA GLY B 110 -27.18 8.41 18.53
C GLY B 110 -26.98 9.88 18.21
N TYR B 111 -26.18 10.22 17.20
CA TYR B 111 -26.08 11.60 16.76
C TYR B 111 -27.35 12.07 16.05
N PHE B 112 -28.20 11.13 15.64
CA PHE B 112 -29.33 11.41 14.75
C PHE B 112 -30.61 11.04 15.46
N LYS B 113 -31.42 12.05 15.77
CA LYS B 113 -32.62 11.82 16.56
C LYS B 113 -33.54 10.83 15.86
N SER B 114 -33.63 10.91 14.54
CA SER B 114 -34.51 10.05 13.75
C SER B 114 -33.87 8.72 13.38
N GLY B 115 -32.64 8.45 13.79
CA GLY B 115 -31.95 7.24 13.41
C GLY B 115 -31.23 7.37 12.08
N LEU B 116 -30.25 6.49 11.88
CA LEU B 116 -29.54 6.42 10.61
C LEU B 116 -30.45 5.86 9.53
N LYS B 117 -30.46 6.48 8.35
CA LYS B 117 -31.18 5.91 7.22
C LYS B 117 -30.27 5.96 5.99
N TYR B 118 -30.53 5.05 5.04
CA TYR B 118 -29.71 4.95 3.84
C TYR B 118 -30.60 5.20 2.63
N LYS B 119 -29.98 5.66 1.55
CA LYS B 119 -30.70 5.90 0.32
C LYS B 119 -29.88 5.34 -0.84
N LYS B 120 -30.56 4.97 -1.92
CA LYS B 120 -29.84 4.47 -3.08
C LYS B 120 -29.24 5.61 -3.88
N GLY B 121 -28.12 5.33 -4.52
CA GLY B 121 -27.45 6.30 -5.36
C GLY B 121 -26.22 6.88 -4.70
N GLY B 122 -25.79 8.00 -5.25
CA GLY B 122 -24.63 8.72 -4.74
C GLY B 122 -24.00 9.53 -5.86
N VAL B 123 -22.94 10.22 -5.49
CA VAL B 123 -22.17 10.96 -6.48
C VAL B 123 -21.18 10.03 -7.16
N ALA B 124 -20.92 10.30 -8.44
CA ALA B 124 -20.02 9.48 -9.23
C ALA B 124 -18.59 9.54 -8.71
N SER B 125 -17.90 8.41 -8.82
CA SER B 125 -16.49 8.32 -8.46
C SER B 125 -15.68 9.38 -9.19
N GLY B 126 -14.58 9.79 -8.55
CA GLY B 126 -13.65 10.67 -9.21
C GLY B 126 -12.65 9.99 -10.14
N PHE B 127 -12.62 8.68 -10.17
CA PHE B 127 -11.67 7.96 -11.03
C PHE B 127 -11.92 8.24 -12.52
PG ATP C . 9.01 -4.75 -3.08
O1G ATP C . 9.40 -6.07 -2.45
O2G ATP C . 7.71 -4.24 -2.53
O3G ATP C . 10.12 -3.73 -3.18
PB ATP C . 7.62 -4.67 -5.67
O1B ATP C . 7.01 -3.36 -5.22
O2B ATP C . 8.23 -4.77 -7.05
O3B ATP C . 8.72 -5.21 -4.62
PA ATP C . 5.06 -6.01 -6.04
O1A ATP C . 4.15 -5.70 -4.89
O2A ATP C . 4.89 -5.27 -7.34
O3A ATP C . 6.58 -5.90 -5.54
O5' ATP C . 4.92 -7.59 -6.25
C5' ATP C . 5.71 -8.28 -7.22
C4' ATP C . 5.85 -9.69 -6.71
O4' ATP C . 4.51 -10.20 -6.51
C3' ATP C . 6.58 -10.66 -7.63
O3' ATP C . 7.33 -11.59 -6.85
C2' ATP C . 5.46 -11.41 -8.33
O2' ATP C . 5.79 -12.70 -8.78
C1' ATP C . 4.39 -11.46 -7.20
N9 ATP C . 3.06 -11.70 -7.71
C8 ATP C . 2.38 -10.93 -8.56
N7 ATP C . 1.16 -11.46 -8.81
C5 ATP C . 1.06 -12.59 -8.11
C6 ATP C . 0.04 -13.63 -7.94
N6 ATP C . -1.15 -13.57 -8.57
N1 ATP C . 0.33 -14.64 -7.11
C2 ATP C . 1.50 -14.74 -6.47
N3 ATP C . 2.48 -13.82 -6.58
C4 ATP C . 2.32 -12.75 -7.38
H5'1 ATP C . 5.23 -8.26 -8.20
H5'2 ATP C . 6.69 -7.80 -7.33
H4' ATP C . 6.45 -9.63 -5.79
H3' ATP C . 7.27 -10.16 -8.32
H2' ATP C . 5.14 -10.94 -9.26
HO2' ATP C . 6.69 -12.68 -9.15
H1' ATP C . 4.60 -12.30 -6.52
H8 ATP C . 2.75 -10.00 -8.99
HN61 ATP C . -1.84 -14.30 -8.42
HN62 ATP C . -1.35 -12.80 -9.18
H2 ATP C . 1.67 -15.59 -5.82
CA CA D . 6.41 -2.46 -3.20
S SCN E . -0.05 9.38 -17.00
C SCN E . 0.26 8.42 -18.47
N SCN E . 0.45 7.72 -19.39
C1 BTB F . 2.92 2.79 -21.15
O1 BTB F . 3.99 3.42 -20.48
C2 BTB F . 2.11 3.98 -21.82
C3 BTB F . 1.64 4.82 -20.62
O3 BTB F . 0.34 5.31 -20.87
C4 BTB F . 0.80 3.26 -22.54
O4 BTB F . 1.21 2.11 -23.08
N BTB F . 3.02 4.81 -22.77
C5 BTB F . 2.22 5.93 -23.32
C6 BTB F . 3.16 6.99 -23.97
O6 BTB F . 3.47 6.60 -25.32
C7 BTB F . 3.48 4.00 -23.94
C8 BTB F . 4.93 4.20 -24.12
O8 BTB F . 5.65 3.50 -23.14
H11 BTB F . 3.29 2.07 -21.92
H12 BTB F . 2.28 2.21 -20.44
HO1 BTB F . 4.18 2.89 -19.71
H31 BTB F . 2.38 5.63 -20.44
H32 BTB F . 1.68 4.20 -19.70
HO3 BTB F . -0.24 4.80 -20.30
H41 BTB F . 0.01 2.96 -21.86
H42 BTB F . 0.39 3.81 -23.39
HO4 BTB F . 0.53 1.80 -23.67
H51 BTB F . 1.46 5.55 -24.04
H52 BTB F . 1.58 6.37 -22.52
H61 BTB F . 4.08 7.05 -23.35
H62 BTB F . 2.63 7.97 -23.96
HO6 BTB F . 3.00 7.19 -25.91
H71 BTB F . 2.95 4.27 -24.87
H72 BTB F . 3.28 2.92 -23.80
H81 BTB F . 5.15 5.30 -24.11
H82 BTB F . 5.21 3.89 -25.17
HO8 BTB F . 6.43 3.26 -23.64
C1 PEG G . 15.03 2.24 -22.50
O1 PEG G . 15.60 0.99 -22.30
C2 PEG G . 15.43 3.07 -21.31
O2 PEG G . 16.63 3.83 -21.66
C3 PEG G . 17.32 4.34 -20.59
C4 PEG G . 16.46 5.50 -19.94
O4 PEG G . 16.98 5.80 -18.73
H11 PEG G . 13.91 2.19 -22.57
H12 PEG G . 15.39 2.73 -23.44
HO1 PEG G . 15.62 0.54 -23.16
H21 PEG G . 14.56 3.72 -21.05
H22 PEG G . 15.60 2.36 -20.47
H31 PEG G . 18.32 4.72 -20.94
H32 PEG G . 17.51 3.52 -19.86
H41 PEG G . 15.40 5.18 -19.86
H42 PEG G . 16.49 6.41 -20.61
HO4 PEG G . 16.35 6.41 -18.30
CL CL H . -5.22 -18.40 20.98
CA CA I . -20.22 7.52 -4.90
CA CA J . -6.34 12.01 17.17
S SCN K . -25.16 15.72 -0.01
C SCN K . -25.80 14.21 0.69
N SCN K . -26.04 13.16 1.21
C1 BME L . -10.05 25.15 17.21
C2 BME L . -9.82 24.77 15.76
O1 BME L . -11.36 25.66 17.38
S2 BME L . -8.08 24.69 15.44
H11 BME L . -9.41 25.84 17.47
H12 BME L . -9.94 24.36 17.77
H21 BME L . -10.22 23.89 15.59
H22 BME L . -10.23 25.43 15.18
HO1 BME L . -11.42 26.09 18.15
HS2 BME L . -7.89 24.20 14.39
#